data_7SDI
#
_entry.id   7SDI
#
_cell.length_a   105.972
_cell.length_b   105.972
_cell.length_c   93.052
_cell.angle_alpha   90.000
_cell.angle_beta   90.000
_cell.angle_gamma   120.000
#
_symmetry.space_group_name_H-M   'H 3'
#
loop_
_entity.id
_entity.type
_entity.pdbx_description
1 polymer "DNA (5'-D(*GP*AP*GP*CP*AP*GP*CP*CP*TP*GP*TP*TP*TP*GP*GP*AP*CP*AP*TP*CP*A)-3')"
2 polymer "DNA (5'-D(P*CP*CP*AP*UP*AP*CP*A)-3')"
3 polymer "DNA (5'-D(P*GP*GP*CP*TP*GP*CP*T)-3')"
4 polymer "DNA (5'-D(P*CP*TP*GP*AP*TP*GP*T)-3')"
5 non-polymer 'MERCURY (II) ION'
#
loop_
_entity_poly.entity_id
_entity_poly.type
_entity_poly.pdbx_seq_one_letter_code
_entity_poly.pdbx_strand_id
1 'polydeoxyribonucleotide'
;(DG)(DA)(DG)(DC)(DA)(DG)(DC)(DC)(DT)(DG)(DT)(DT)(DT)(DG)(DG)(DA)(DC)(DA)(DT)(DC)
(DA)
;
A
2 'polydeoxyribonucleotide' (DC)(DC)(DA)(DU)(DA)(DC)(DA) B
3 'polydeoxyribonucleotide' (DG)(DG)(DC)(DT)(DG)(DC)(DT) C
4 'polydeoxyribonucleotide' (DC)(DT)(DG)(DA)(DT)(DG)(DT) D
#